data_8U9A
#
_entry.id   8U9A
#
_cell.length_a   67.542
_cell.length_b   111.087
_cell.length_c   57.896
_cell.angle_alpha   90.00
_cell.angle_beta   90.00
_cell.angle_gamma   90.00
#
_symmetry.space_group_name_H-M   'P 21 21 2'
#
loop_
_entity.id
_entity.type
_entity.pdbx_description
1 polymer 2,3-dihydroxybenzoate-2,3-dehydrogenase
2 non-polymer '2,3-DIHYDROXY-BENZOIC ACID'
3 non-polymer 'CHLORIDE ION'
4 water water
#
_entity_poly.entity_id   1
_entity_poly.type   'polypeptide(L)'
_entity_poly.pdbx_seq_one_letter_code
;MAHHHHHHMNGLDFHGQTVWVTGAGKGIGYATALAFVEAGANVTGFDLAFDGEGYPFATEMLDVADADQVRDVCARLLND
IERLDVLVNAAGILRMGATDQLSAEDWQQTFAVNVGGAFNLFQQTMAQFRRQRGGAIVTVASDAAHTPRIGMSAYGASKA
ALKSLALTVGLELAGSGVRCNLVSPGSTDTDMQRTLWVNEDAEQQRIRGFGEQFKLGIPLGKIARPQEIANTILFLASSH
ASHITLQDIVVDGGSTLGA
;
_entity_poly.pdbx_strand_id   A,B
#
loop_
_chem_comp.id
_chem_comp.type
_chem_comp.name
_chem_comp.formula
CL non-polymer 'CHLORIDE ION' 'Cl -1'
DBH non-polymer '2,3-DIHYDROXY-BENZOIC ACID' 'C7 H6 O4'
#
# COMPACT_ATOMS: atom_id res chain seq x y z
N GLY A 11 31.48 8.78 13.76
CA GLY A 11 31.26 8.33 12.41
C GLY A 11 30.38 7.10 12.35
N LEU A 12 30.12 6.60 11.14
CA LEU A 12 29.26 5.43 10.96
C LEU A 12 30.15 4.22 10.70
N ASP A 13 30.27 3.36 11.71
CA ASP A 13 31.16 2.21 11.74
C ASP A 13 30.30 0.95 11.81
N PHE A 14 30.48 0.06 10.84
CA PHE A 14 29.78 -1.21 10.83
C PHE A 14 30.75 -2.39 10.77
N HIS A 15 31.95 -2.21 11.34
N HIS A 15 31.96 -2.22 11.29
CA HIS A 15 32.97 -3.26 11.27
CA HIS A 15 32.96 -3.27 11.16
C HIS A 15 32.43 -4.55 11.87
C HIS A 15 32.51 -4.54 11.86
N GLY A 16 32.64 -5.66 11.16
CA GLY A 16 32.26 -6.95 11.68
C GLY A 16 30.79 -7.30 11.54
N GLN A 17 29.96 -6.36 11.11
CA GLN A 17 28.52 -6.61 11.01
C GLN A 17 28.16 -7.23 9.68
N THR A 18 27.16 -8.12 9.71
CA THR A 18 26.63 -8.76 8.52
C THR A 18 25.43 -7.96 8.05
N VAL A 19 25.47 -7.51 6.80
CA VAL A 19 24.44 -6.64 6.24
C VAL A 19 23.93 -7.25 4.94
N TRP A 20 22.61 -7.26 4.78
CA TRP A 20 21.95 -7.70 3.55
C TRP A 20 21.26 -6.49 2.92
N VAL A 21 21.43 -6.32 1.61
CA VAL A 21 20.79 -5.22 0.87
C VAL A 21 20.13 -5.79 -0.37
N THR A 22 18.83 -5.52 -0.55
CA THR A 22 18.16 -5.90 -1.79
C THR A 22 18.17 -4.72 -2.76
N GLY A 23 17.92 -5.03 -4.03
CA GLY A 23 18.09 -4.01 -5.03
C GLY A 23 19.53 -3.55 -5.18
N ALA A 24 20.49 -4.43 -4.91
CA ALA A 24 21.88 -4.01 -4.78
C ALA A 24 22.63 -3.90 -6.11
N GLY A 25 22.00 -4.18 -7.25
CA GLY A 25 22.70 -4.12 -8.52
C GLY A 25 22.83 -2.72 -9.08
N LYS A 26 21.97 -1.80 -8.65
CA LYS A 26 21.99 -0.44 -9.16
C LYS A 26 21.27 0.47 -8.16
N GLY A 27 21.33 1.76 -8.45
CA GLY A 27 20.53 2.75 -7.75
C GLY A 27 20.83 2.82 -6.27
N ILE A 28 19.76 3.06 -5.49
CA ILE A 28 19.95 3.24 -4.05
C ILE A 28 20.52 1.99 -3.38
N GLY A 29 20.04 0.79 -3.77
CA GLY A 29 20.55 -0.42 -3.15
C GLY A 29 22.03 -0.59 -3.38
N TYR A 30 22.49 -0.29 -4.60
CA TYR A 30 23.93 -0.40 -4.86
C TYR A 30 24.71 0.59 -4.02
N ALA A 31 24.27 1.85 -4.01
CA ALA A 31 24.98 2.87 -3.24
C ALA A 31 25.02 2.51 -1.77
N THR A 32 23.95 1.89 -1.27
CA THR A 32 23.90 1.51 0.14
C THR A 32 24.84 0.34 0.43
N ALA A 33 24.85 -0.69 -0.43
CA ALA A 33 25.76 -1.80 -0.24
C ALA A 33 27.21 -1.31 -0.25
N LEU A 34 27.54 -0.46 -1.22
CA LEU A 34 28.88 0.11 -1.28
C LEU A 34 29.20 0.91 -0.02
N ALA A 35 28.24 1.71 0.48
CA ALA A 35 28.49 2.49 1.68
C ALA A 35 28.75 1.59 2.88
N PHE A 36 28.02 0.47 2.98
CA PHE A 36 28.26 -0.44 4.10
C PHE A 36 29.62 -1.13 3.97
N VAL A 37 30.04 -1.47 2.73
CA VAL A 37 31.37 -2.07 2.55
C VAL A 37 32.43 -1.10 3.02
N GLU A 38 32.28 0.18 2.64
CA GLU A 38 33.25 1.19 3.01
C GLU A 38 33.26 1.42 4.53
N ALA A 39 32.13 1.14 5.19
CA ALA A 39 32.04 1.27 6.64
C ALA A 39 32.46 0.01 7.39
N GLY A 40 32.98 -0.99 6.69
CA GLY A 40 33.56 -2.15 7.32
C GLY A 40 32.67 -3.37 7.42
N ALA A 41 31.46 -3.31 6.86
CA ALA A 41 30.54 -4.42 7.00
C ALA A 41 30.84 -5.54 6.00
N ASN A 42 30.34 -6.73 6.33
CA ASN A 42 30.34 -7.88 5.42
C ASN A 42 28.99 -7.91 4.74
N VAL A 43 28.96 -7.53 3.46
CA VAL A 43 27.72 -7.18 2.76
C VAL A 43 27.38 -8.29 1.78
N THR A 44 26.10 -8.65 1.74
CA THR A 44 25.54 -9.46 0.66
C THR A 44 24.44 -8.66 -0.01
N GLY A 45 24.53 -8.53 -1.33
CA GLY A 45 23.54 -7.83 -2.11
C GLY A 45 22.71 -8.81 -2.92
N PHE A 46 21.44 -8.49 -3.07
CA PHE A 46 20.47 -9.31 -3.79
C PHE A 46 19.86 -8.48 -4.89
N ASP A 47 19.74 -9.03 -6.08
CA ASP A 47 19.06 -8.33 -7.17
C ASP A 47 18.79 -9.29 -8.31
N LEU A 48 17.88 -8.87 -9.20
CA LEU A 48 17.54 -9.65 -10.38
C LEU A 48 18.69 -9.74 -11.35
N ALA A 49 19.47 -8.66 -11.45
CA ALA A 49 20.57 -8.56 -12.37
C ALA A 49 21.67 -7.77 -11.68
N PHE A 50 22.90 -8.12 -12.01
CA PHE A 50 24.11 -7.40 -11.62
C PHE A 50 24.85 -7.03 -12.90
N ASP A 51 24.33 -6.04 -13.62
CA ASP A 51 24.88 -5.70 -14.93
C ASP A 51 25.94 -4.61 -14.85
N GLY A 52 26.19 -4.05 -13.66
CA GLY A 52 27.27 -3.09 -13.49
C GLY A 52 28.63 -3.75 -13.61
N GLU A 53 29.66 -2.91 -13.70
CA GLU A 53 31.03 -3.40 -13.90
C GLU A 53 31.79 -3.62 -12.60
N GLY A 54 31.17 -3.41 -11.43
CA GLY A 54 31.88 -3.69 -10.20
C GLY A 54 31.06 -3.85 -8.94
N TYR A 55 31.24 -4.98 -8.26
CA TYR A 55 30.52 -5.28 -7.03
C TYR A 55 31.52 -5.76 -5.98
N PRO A 56 31.92 -4.92 -5.04
CA PRO A 56 32.85 -5.34 -3.99
C PRO A 56 32.16 -5.96 -2.79
N PHE A 57 31.20 -6.82 -3.05
CA PHE A 57 30.42 -7.46 -2.01
C PHE A 57 29.88 -8.73 -2.64
N ALA A 58 29.42 -9.64 -1.79
CA ALA A 58 28.84 -10.89 -2.29
C ALA A 58 27.52 -10.59 -2.95
N THR A 59 27.26 -11.26 -4.06
CA THR A 59 26.04 -11.04 -4.83
C THR A 59 25.24 -12.33 -4.93
N GLU A 60 23.93 -12.17 -4.84
CA GLU A 60 22.96 -13.24 -5.01
C GLU A 60 21.98 -12.77 -6.06
N MET A 61 21.95 -13.42 -7.20
CA MET A 61 21.14 -13.02 -8.34
C MET A 61 19.87 -13.84 -8.30
N LEU A 62 18.75 -13.18 -8.03
CA LEU A 62 17.46 -13.84 -7.88
C LEU A 62 16.39 -12.79 -7.99
N ASP A 63 15.15 -13.24 -8.13
CA ASP A 63 14.00 -12.36 -8.10
C ASP A 63 13.45 -12.29 -6.68
N VAL A 64 13.63 -11.17 -6.00
CA VAL A 64 13.13 -11.04 -4.63
C VAL A 64 11.62 -11.11 -4.59
N ALA A 65 10.92 -10.89 -5.72
CA ALA A 65 9.47 -11.05 -5.76
C ALA A 65 9.04 -12.51 -5.71
N ASP A 66 9.96 -13.46 -5.88
CA ASP A 66 9.63 -14.88 -6.01
C ASP A 66 9.85 -15.52 -4.65
N ALA A 67 8.76 -15.88 -3.97
CA ALA A 67 8.89 -16.34 -2.60
C ALA A 67 9.74 -17.60 -2.49
N ASP A 68 9.63 -18.51 -3.47
CA ASP A 68 10.38 -19.76 -3.41
C ASP A 68 11.88 -19.53 -3.58
N GLN A 69 12.28 -18.63 -4.47
N GLN A 69 12.27 -18.61 -4.46
CA GLN A 69 13.71 -18.35 -4.62
CA GLN A 69 13.68 -18.33 -4.66
C GLN A 69 14.25 -17.72 -3.36
C GLN A 69 14.28 -17.65 -3.43
N VAL A 70 13.54 -16.74 -2.81
CA VAL A 70 14.01 -16.07 -1.61
C VAL A 70 14.15 -17.06 -0.47
N ARG A 71 13.18 -17.94 -0.32
CA ARG A 71 13.25 -18.95 0.73
C ARG A 71 14.50 -19.80 0.57
N ASP A 72 14.77 -20.28 -0.65
N ASP A 72 14.76 -20.25 -0.65
CA ASP A 72 15.91 -21.19 -0.81
CA ASP A 72 15.87 -21.17 -0.91
C ASP A 72 17.22 -20.45 -0.54
C ASP A 72 17.21 -20.51 -0.62
N VAL A 73 17.41 -19.29 -1.13
CA VAL A 73 18.66 -18.58 -0.95
C VAL A 73 18.83 -18.15 0.51
N CYS A 74 17.79 -17.54 1.10
CA CYS A 74 17.98 -17.00 2.44
C CYS A 74 18.19 -18.11 3.45
N ALA A 75 17.48 -19.23 3.30
CA ALA A 75 17.70 -20.34 4.22
C ALA A 75 19.15 -20.80 4.17
N ARG A 76 19.70 -20.93 2.95
CA ARG A 76 21.10 -21.36 2.80
C ARG A 76 22.04 -20.35 3.47
N LEU A 77 21.86 -19.06 3.20
CA LEU A 77 22.73 -18.05 3.77
C LEU A 77 22.60 -18.00 5.29
N LEU A 78 21.38 -18.13 5.82
CA LEU A 78 21.22 -18.08 7.26
C LEU A 78 21.86 -19.28 7.94
N ASN A 79 22.06 -20.38 7.23
CA ASN A 79 22.79 -21.50 7.81
C ASN A 79 24.24 -21.18 8.07
N ASP A 80 24.80 -20.18 7.38
CA ASP A 80 26.22 -19.88 7.47
C ASP A 80 26.56 -18.63 8.25
N ILE A 81 25.58 -17.83 8.67
CA ILE A 81 25.88 -16.64 9.45
C ILE A 81 25.26 -16.77 10.83
N GLU A 82 25.95 -16.19 11.80
CA GLU A 82 25.52 -16.21 13.19
C GLU A 82 24.58 -15.07 13.53
N ARG A 83 24.62 -13.98 12.78
CA ARG A 83 23.84 -12.81 13.12
C ARG A 83 23.60 -12.03 11.85
N LEU A 84 22.36 -11.59 11.65
CA LEU A 84 22.04 -10.64 10.59
C LEU A 84 21.88 -9.26 11.24
N ASP A 85 22.92 -8.44 11.15
CA ASP A 85 22.90 -7.17 11.89
C ASP A 85 21.96 -6.15 11.25
N VAL A 86 21.92 -6.08 9.93
CA VAL A 86 21.14 -5.08 9.21
C VAL A 86 20.54 -5.71 7.98
N LEU A 87 19.23 -5.52 7.78
CA LEU A 87 18.55 -5.76 6.52
C LEU A 87 18.12 -4.43 5.92
N VAL A 88 18.51 -4.18 4.68
CA VAL A 88 18.03 -3.04 3.92
C VAL A 88 17.19 -3.56 2.77
N ASN A 89 15.92 -3.18 2.76
CA ASN A 89 15.01 -3.43 1.64
C ASN A 89 15.10 -2.24 0.69
N ALA A 90 15.74 -2.41 -0.45
CA ALA A 90 15.90 -1.30 -1.40
C ALA A 90 15.54 -1.73 -2.82
N ALA A 91 14.80 -2.83 -2.94
CA ALA A 91 14.32 -3.21 -4.25
C ALA A 91 13.16 -2.33 -4.62
N GLY A 92 13.02 -2.07 -5.90
CA GLY A 92 11.93 -1.25 -6.36
C GLY A 92 11.98 -0.98 -7.83
N ILE A 93 10.79 -0.87 -8.46
CA ILE A 93 10.70 -0.47 -9.85
C ILE A 93 9.68 0.66 -9.94
N LEU A 94 9.89 1.52 -10.92
CA LEU A 94 9.02 2.68 -11.15
C LEU A 94 8.38 2.52 -12.51
N ARG A 95 7.05 2.35 -12.52
CA ARG A 95 6.26 2.29 -13.74
C ARG A 95 5.19 3.37 -13.63
N MET A 96 5.25 4.37 -14.49
CA MET A 96 4.34 5.49 -14.42
C MET A 96 3.25 5.38 -15.45
N GLY A 97 2.19 6.14 -15.22
CA GLY A 97 1.07 6.21 -16.13
C GLY A 97 -0.18 6.72 -15.44
N ALA A 98 -1.08 7.30 -16.21
CA ALA A 98 -2.43 7.56 -15.75
C ALA A 98 -3.04 6.24 -15.27
N THR A 99 -3.84 6.32 -14.22
CA THR A 99 -4.35 5.10 -13.61
C THR A 99 -5.07 4.22 -14.62
N ASP A 100 -5.87 4.81 -15.50
CA ASP A 100 -6.65 4.01 -16.43
C ASP A 100 -5.88 3.67 -17.70
N GLN A 101 -4.61 4.05 -17.79
CA GLN A 101 -3.75 3.68 -18.91
C GLN A 101 -2.70 2.65 -18.53
N LEU A 102 -2.44 2.46 -17.25
CA LEU A 102 -1.40 1.55 -16.79
C LEU A 102 -1.70 0.13 -17.23
N SER A 103 -0.69 -0.56 -17.75
CA SER A 103 -0.90 -1.93 -18.19
C SER A 103 -1.00 -2.87 -16.99
N ALA A 104 -1.65 -4.01 -17.23
CA ALA A 104 -1.74 -5.06 -16.23
C ALA A 104 -0.36 -5.52 -15.77
N GLU A 105 0.57 -5.67 -16.72
CA GLU A 105 1.94 -6.05 -16.36
C GLU A 105 2.55 -5.04 -15.43
N ASP A 106 2.40 -3.75 -15.74
CA ASP A 106 3.03 -2.74 -14.90
C ASP A 106 2.41 -2.71 -13.51
N TRP A 107 1.09 -2.90 -13.42
CA TRP A 107 0.45 -2.98 -12.12
C TRP A 107 0.96 -4.18 -11.33
N GLN A 108 0.93 -5.35 -11.96
CA GLN A 108 1.30 -6.58 -11.26
C GLN A 108 2.74 -6.52 -10.78
N GLN A 109 3.64 -6.16 -11.68
CA GLN A 109 5.06 -6.19 -11.34
C GLN A 109 5.41 -5.13 -10.33
N THR A 110 4.75 -3.97 -10.39
CA THR A 110 4.95 -2.94 -9.37
C THR A 110 4.72 -3.51 -7.98
N PHE A 111 3.62 -4.23 -7.80
CA PHE A 111 3.33 -4.74 -6.46
C PHE A 111 4.19 -5.93 -6.10
N ALA A 112 4.45 -6.82 -7.07
CA ALA A 112 5.26 -8.00 -6.82
C ALA A 112 6.64 -7.61 -6.32
N VAL A 113 7.27 -6.64 -6.99
CA VAL A 113 8.61 -6.19 -6.60
C VAL A 113 8.53 -5.28 -5.38
N ASN A 114 7.73 -4.21 -5.46
CA ASN A 114 7.85 -3.14 -4.47
C ASN A 114 7.27 -3.50 -3.12
N VAL A 115 6.32 -4.45 -3.04
CA VAL A 115 5.78 -4.92 -1.78
C VAL A 115 6.16 -6.37 -1.53
N GLY A 116 5.99 -7.22 -2.55
CA GLY A 116 6.25 -8.63 -2.38
C GLY A 116 7.69 -8.94 -2.03
N GLY A 117 8.63 -8.18 -2.57
CA GLY A 117 10.02 -8.43 -2.28
C GLY A 117 10.32 -8.33 -0.79
N ALA A 118 9.98 -7.18 -0.20
CA ALA A 118 10.16 -7.00 1.24
C ALA A 118 9.36 -8.02 2.03
N PHE A 119 8.12 -8.31 1.62
CA PHE A 119 7.34 -9.34 2.30
C PHE A 119 8.13 -10.66 2.35
N ASN A 120 8.69 -11.08 1.22
CA ASN A 120 9.42 -12.33 1.19
C ASN A 120 10.65 -12.27 2.10
N LEU A 121 11.40 -11.16 2.05
CA LEU A 121 12.55 -11.04 2.93
C LEU A 121 12.13 -11.08 4.39
N PHE A 122 11.05 -10.38 4.74
CA PHE A 122 10.58 -10.44 6.12
C PHE A 122 10.19 -11.86 6.52
N GLN A 123 9.47 -12.57 5.64
CA GLN A 123 9.10 -13.95 5.96
C GLN A 123 10.31 -14.81 6.22
N GLN A 124 11.41 -14.56 5.52
CA GLN A 124 12.59 -15.40 5.70
C GLN A 124 13.55 -14.92 6.78
N THR A 125 13.42 -13.69 7.28
CA THR A 125 14.37 -13.19 8.27
C THR A 125 13.78 -12.92 9.63
N MET A 126 12.47 -12.88 9.78
CA MET A 126 11.93 -12.50 11.09
C MET A 126 12.34 -13.47 12.18
N ALA A 127 12.38 -14.77 11.88
CA ALA A 127 12.81 -15.73 12.90
C ALA A 127 14.24 -15.50 13.34
N GLN A 128 15.13 -15.11 12.42
CA GLN A 128 16.51 -14.82 12.76
C GLN A 128 16.61 -13.61 13.68
N PHE A 129 15.87 -12.55 13.35
CA PHE A 129 15.86 -11.35 14.19
C PHE A 129 15.36 -11.68 15.58
N ARG A 130 14.30 -12.50 15.69
CA ARG A 130 13.79 -12.87 17.01
C ARG A 130 14.82 -13.68 17.80
N ARG A 131 15.44 -14.66 17.15
CA ARG A 131 16.40 -15.51 17.85
C ARG A 131 17.61 -14.73 18.34
N GLN A 132 18.09 -13.78 17.54
CA GLN A 132 19.33 -13.07 17.92
C GLN A 132 19.06 -11.89 18.87
N ARG A 133 17.81 -11.44 18.99
CA ARG A 133 17.38 -10.39 19.94
C ARG A 133 17.94 -9.00 19.64
N GLY A 134 17.83 -8.57 18.41
CA GLY A 134 18.27 -7.25 18.05
C GLY A 134 18.56 -7.19 16.56
N GLY A 135 19.16 -6.08 16.14
CA GLY A 135 19.39 -5.79 14.74
C GLY A 135 18.55 -4.61 14.28
N ALA A 136 18.76 -4.26 13.02
CA ALA A 136 18.12 -3.10 12.43
C ALA A 136 17.63 -3.43 11.03
N ILE A 137 16.48 -2.89 10.68
CA ILE A 137 15.91 -2.99 9.35
C ILE A 137 15.67 -1.59 8.85
N VAL A 138 16.05 -1.32 7.62
CA VAL A 138 15.71 -0.06 6.97
C VAL A 138 15.09 -0.39 5.62
N THR A 139 13.94 0.20 5.33
CA THR A 139 13.21 -0.03 4.10
C THR A 139 13.08 1.26 3.32
N VAL A 140 13.33 1.20 2.02
CA VAL A 140 13.27 2.37 1.14
C VAL A 140 11.87 2.44 0.55
N ALA A 141 11.11 3.46 0.95
CA ALA A 141 9.76 3.69 0.44
C ALA A 141 9.87 4.76 -0.64
N SER A 142 9.12 5.87 -0.52
CA SER A 142 9.10 6.93 -1.52
C SER A 142 8.25 8.07 -0.97
N ASP A 143 8.58 9.31 -1.34
CA ASP A 143 7.67 10.39 -0.97
C ASP A 143 6.32 10.24 -1.66
N ALA A 144 6.23 9.42 -2.71
CA ALA A 144 4.95 9.17 -3.36
C ALA A 144 4.00 8.37 -2.49
N ALA A 145 4.51 7.74 -1.42
CA ALA A 145 3.66 7.11 -0.44
C ALA A 145 3.06 8.10 0.53
N HIS A 146 3.51 9.35 0.52
CA HIS A 146 3.10 10.36 1.49
C HIS A 146 2.09 11.36 0.95
N THR A 147 2.00 11.51 -0.38
CA THR A 147 1.17 12.51 -0.97
C THR A 147 0.81 11.95 -2.34
N PRO A 148 -0.39 12.19 -2.86
CA PRO A 148 -0.72 11.67 -4.19
C PRO A 148 0.06 12.40 -5.28
N ARG A 149 0.56 11.63 -6.23
CA ARG A 149 1.38 12.17 -7.32
C ARG A 149 0.80 11.70 -8.64
N ILE A 150 0.40 12.65 -9.50
CA ILE A 150 -0.11 12.31 -10.82
C ILE A 150 0.92 11.49 -11.57
N GLY A 151 0.47 10.43 -12.23
CA GLY A 151 1.33 9.53 -12.96
C GLY A 151 1.91 8.42 -12.12
N MET A 152 1.76 8.48 -10.80
CA MET A 152 2.42 7.53 -9.91
C MET A 152 1.41 6.81 -9.02
N SER A 153 0.18 6.64 -9.47
CA SER A 153 -0.83 6.05 -8.60
C SER A 153 -0.43 4.65 -8.15
N ALA A 154 0.02 3.80 -9.07
CA ALA A 154 0.43 2.44 -8.69
C ALA A 154 1.72 2.45 -7.89
N TYR A 155 2.71 3.21 -8.35
CA TYR A 155 3.97 3.29 -7.63
C TYR A 155 3.76 3.76 -6.21
N GLY A 156 3.04 4.87 -6.04
CA GLY A 156 2.80 5.38 -4.70
C GLY A 156 2.00 4.42 -3.84
N ALA A 157 1.02 3.76 -4.43
CA ALA A 157 0.23 2.81 -3.67
C ALA A 157 1.09 1.63 -3.21
N SER A 158 1.98 1.14 -4.06
CA SER A 158 2.85 0.04 -3.67
C SER A 158 3.79 0.47 -2.57
N LYS A 159 4.25 1.72 -2.63
CA LYS A 159 5.16 2.20 -1.60
C LYS A 159 4.42 2.47 -0.30
N ALA A 160 3.15 2.88 -0.37
CA ALA A 160 2.34 2.99 0.84
C ALA A 160 2.11 1.62 1.48
N ALA A 161 1.88 0.57 0.67
CA ALA A 161 1.75 -0.76 1.24
C ALA A 161 3.06 -1.18 1.88
N LEU A 162 4.18 -0.91 1.19
CA LEU A 162 5.49 -1.26 1.73
C LEU A 162 5.72 -0.60 3.09
N LYS A 163 5.47 0.69 3.19
CA LYS A 163 5.60 1.39 4.46
C LYS A 163 4.73 0.75 5.54
N SER A 164 3.47 0.48 5.23
CA SER A 164 2.59 -0.09 6.22
C SER A 164 3.13 -1.45 6.70
N LEU A 165 3.53 -2.27 5.76
CA LEU A 165 4.06 -3.59 6.08
C LEU A 165 5.29 -3.46 6.97
N ALA A 166 6.23 -2.60 6.60
CA ALA A 166 7.45 -2.43 7.39
C ALA A 166 7.13 -1.97 8.80
N LEU A 167 6.15 -1.08 8.98
CA LEU A 167 5.82 -0.60 10.31
C LEU A 167 5.22 -1.71 11.15
N THR A 168 4.35 -2.53 10.56
CA THR A 168 3.76 -3.62 11.34
C THR A 168 4.83 -4.66 11.70
N VAL A 169 5.72 -5.00 10.76
CA VAL A 169 6.86 -5.85 11.08
C VAL A 169 7.69 -5.25 12.21
N GLY A 170 7.88 -3.92 12.18
CA GLY A 170 8.60 -3.27 13.27
C GLY A 170 7.93 -3.46 14.60
N LEU A 171 6.60 -3.41 14.64
CA LEU A 171 5.86 -3.68 15.84
C LEU A 171 5.99 -5.14 16.25
N GLU A 172 5.92 -6.06 15.28
CA GLU A 172 6.04 -7.48 15.56
C GLU A 172 7.41 -7.83 16.13
N LEU A 173 8.45 -7.09 15.74
CA LEU A 173 9.83 -7.38 16.19
C LEU A 173 10.28 -6.46 17.32
N ALA A 174 9.45 -5.51 17.75
CA ALA A 174 9.92 -4.57 18.77
C ALA A 174 10.27 -5.27 20.07
N GLY A 175 9.50 -6.30 20.43
CA GLY A 175 9.79 -7.04 21.64
C GLY A 175 11.11 -7.79 21.61
N SER A 176 11.66 -8.00 20.41
CA SER A 176 12.97 -8.61 20.23
C SER A 176 14.09 -7.58 20.15
N GLY A 177 13.78 -6.30 20.36
CA GLY A 177 14.82 -5.29 20.33
C GLY A 177 15.23 -4.83 18.95
N VAL A 178 14.48 -5.16 17.90
CA VAL A 178 14.83 -4.82 16.53
C VAL A 178 14.28 -3.45 16.19
N ARG A 179 15.11 -2.61 15.62
CA ARG A 179 14.68 -1.29 15.16
C ARG A 179 14.32 -1.39 13.68
N CYS A 180 13.27 -0.70 13.29
CA CYS A 180 12.70 -0.84 11.94
C CYS A 180 12.25 0.53 11.48
N ASN A 181 12.94 1.06 10.46
CA ASN A 181 12.70 2.43 9.99
C ASN A 181 12.68 2.46 8.47
N LEU A 182 12.30 3.62 7.94
CA LEU A 182 12.21 3.83 6.51
C LEU A 182 12.86 5.14 6.11
N VAL A 183 13.27 5.15 4.85
CA VAL A 183 13.67 6.36 4.14
CA VAL A 183 13.64 6.38 4.15
C VAL A 183 12.76 6.50 2.93
N SER A 184 12.28 7.73 2.67
CA SER A 184 11.37 7.99 1.56
C SER A 184 12.02 9.00 0.62
N PRO A 185 12.73 8.55 -0.39
CA PRO A 185 13.36 9.47 -1.33
C PRO A 185 12.35 10.13 -2.25
N GLY A 186 12.80 11.22 -2.88
CA GLY A 186 12.06 11.83 -3.95
C GLY A 186 11.94 10.97 -5.19
N SER A 187 11.19 11.51 -6.15
CA SER A 187 10.84 10.77 -7.36
C SER A 187 10.90 11.66 -8.59
N GLY A 217 10.53 28.31 -2.59
CA GLY A 217 11.84 27.68 -2.64
C GLY A 217 11.85 26.20 -2.30
N ILE A 218 10.71 25.53 -2.48
CA ILE A 218 10.61 24.09 -2.29
C ILE A 218 10.39 23.47 -3.67
N PRO A 219 11.08 22.36 -4.01
CA PRO A 219 12.07 21.65 -3.21
C PRO A 219 13.36 22.43 -3.04
N LEU A 220 14.00 22.19 -1.89
CA LEU A 220 15.23 22.87 -1.51
C LEU A 220 16.43 22.00 -1.90
N GLY A 221 17.31 22.55 -2.75
CA GLY A 221 18.50 21.86 -3.19
C GLY A 221 18.29 21.03 -4.45
N LYS A 222 19.37 20.42 -4.90
CA LYS A 222 19.31 19.54 -6.06
C LYS A 222 18.79 18.17 -5.66
N ILE A 223 18.37 17.39 -6.68
CA ILE A 223 17.86 16.04 -6.43
C ILE A 223 18.89 15.26 -5.64
N ALA A 224 18.41 14.48 -4.66
CA ALA A 224 19.31 13.67 -3.84
C ALA A 224 19.83 12.49 -4.63
N ARG A 225 21.16 12.32 -4.63
CA ARG A 225 21.79 11.22 -5.33
C ARG A 225 21.74 9.96 -4.48
N PRO A 226 21.83 8.78 -5.11
CA PRO A 226 21.80 7.52 -4.34
C PRO A 226 22.79 7.50 -3.17
N GLN A 227 24.02 7.99 -3.36
CA GLN A 227 24.99 8.00 -2.27
C GLN A 227 24.49 8.81 -1.08
N GLU A 228 23.71 9.87 -1.32
N GLU A 228 23.71 9.87 -1.32
CA GLU A 228 23.24 10.68 -0.21
CA GLU A 228 23.24 10.68 -0.21
C GLU A 228 22.06 10.03 0.53
C GLU A 228 22.08 9.98 0.53
N ILE A 229 21.19 9.31 -0.19
CA ILE A 229 20.17 8.50 0.46
C ILE A 229 20.81 7.39 1.28
N ALA A 230 21.85 6.76 0.75
CA ALA A 230 22.56 5.70 1.47
C ALA A 230 23.04 6.19 2.83
N ASN A 231 23.54 7.41 2.89
CA ASN A 231 24.00 7.93 4.18
C ASN A 231 22.89 7.91 5.23
N THR A 232 21.68 8.33 4.86
CA THR A 232 20.57 8.33 5.80
C THR A 232 20.22 6.91 6.22
N ILE A 233 20.27 5.96 5.29
CA ILE A 233 20.05 4.57 5.64
C ILE A 233 21.10 4.09 6.66
N LEU A 234 22.36 4.41 6.43
CA LEU A 234 23.40 4.00 7.38
C LEU A 234 23.14 4.62 8.75
N PHE A 235 22.71 5.88 8.77
CA PHE A 235 22.40 6.50 10.07
C PHE A 235 21.31 5.70 10.81
N LEU A 236 20.24 5.38 10.11
CA LEU A 236 19.13 4.66 10.73
C LEU A 236 19.50 3.24 11.12
N ALA A 237 20.47 2.65 10.43
CA ALA A 237 20.92 1.32 10.76
C ALA A 237 21.90 1.31 11.91
N SER A 238 22.39 2.47 12.32
CA SER A 238 23.53 2.59 13.21
C SER A 238 23.10 2.69 14.68
N SER A 239 24.07 2.43 15.55
CA SER A 239 23.85 2.59 16.98
C SER A 239 23.51 4.02 17.37
N HIS A 240 23.81 5.01 16.52
CA HIS A 240 23.42 6.39 16.82
C HIS A 240 21.91 6.60 16.72
N ALA A 241 21.16 5.62 16.21
CA ALA A 241 19.71 5.68 16.07
C ALA A 241 19.00 4.68 16.99
N SER A 242 19.63 4.33 18.12
CA SER A 242 19.22 3.18 18.91
C SER A 242 17.82 3.31 19.52
N HIS A 243 17.28 4.51 19.63
CA HIS A 243 15.94 4.72 20.19
C HIS A 243 14.97 5.22 19.14
N ILE A 244 15.36 5.12 17.88
CA ILE A 244 14.51 5.48 16.74
C ILE A 244 13.97 4.21 16.13
N THR A 245 12.65 4.03 16.18
CA THR A 245 12.01 2.96 15.44
C THR A 245 10.65 3.43 14.98
N LEU A 246 10.21 2.82 13.89
CA LEU A 246 8.92 3.09 13.24
C LEU A 246 8.88 4.47 12.63
N GLN A 247 10.03 5.02 12.33
CA GLN A 247 10.14 6.34 11.71
C GLN A 247 10.44 6.26 10.21
N ASP A 248 10.10 7.32 9.51
CA ASP A 248 10.21 7.41 8.05
C ASP A 248 10.75 8.79 7.76
N ILE A 249 12.00 8.88 7.31
CA ILE A 249 12.63 10.15 7.01
C ILE A 249 12.46 10.40 5.50
N VAL A 250 11.78 11.49 5.16
CA VAL A 250 11.54 11.88 3.77
C VAL A 250 12.72 12.73 3.32
N VAL A 251 13.36 12.29 2.25
CA VAL A 251 14.57 12.93 1.74
C VAL A 251 14.27 13.39 0.34
N ASP A 252 13.61 14.55 0.22
CA ASP A 252 13.17 15.05 -1.07
C ASP A 252 13.17 16.57 -1.09
N GLY A 253 13.99 17.20 -0.25
CA GLY A 253 14.08 18.64 -0.28
C GLY A 253 12.86 19.34 0.22
N GLY A 254 12.02 18.64 0.99
CA GLY A 254 10.85 19.25 1.59
C GLY A 254 9.61 19.25 0.72
N SER A 255 9.60 18.48 -0.36
CA SER A 255 8.52 18.56 -1.36
C SER A 255 7.17 18.18 -0.79
N THR A 256 7.14 17.33 0.24
CA THR A 256 5.84 16.99 0.83
C THR A 256 5.40 17.95 1.92
N LEU A 257 6.18 18.99 2.19
CA LEU A 257 5.84 20.02 3.17
C LEU A 257 5.56 19.40 4.55
N GLY A 258 6.29 18.34 4.87
CA GLY A 258 6.18 17.69 6.15
C GLY A 258 5.25 16.51 6.19
N ALA A 259 4.48 16.26 5.12
CA ALA A 259 3.60 15.10 5.06
C ALA A 259 4.39 13.81 4.81
N GLY B 11 -31.78 16.52 4.29
CA GLY B 11 -31.52 15.09 4.31
C GLY B 11 -30.56 14.64 3.24
N LEU B 12 -30.34 13.33 3.14
CA LEU B 12 -29.48 12.76 2.12
C LEU B 12 -30.36 12.23 0.99
N ASP B 13 -30.35 12.94 -0.13
CA ASP B 13 -31.27 12.68 -1.25
C ASP B 13 -30.43 12.35 -2.49
N PHE B 14 -30.66 11.16 -3.05
CA PHE B 14 -29.98 10.75 -4.26
C PHE B 14 -31.00 10.37 -5.35
N HIS B 15 -32.18 11.01 -5.32
CA HIS B 15 -33.25 10.66 -6.25
C HIS B 15 -32.74 10.71 -7.68
N GLY B 16 -32.97 9.62 -8.40
CA GLY B 16 -32.66 9.56 -9.82
C GLY B 16 -31.21 9.27 -10.15
N GLN B 17 -30.32 9.25 -9.17
CA GLN B 17 -28.91 9.08 -9.43
C GLN B 17 -28.55 7.63 -9.64
N THR B 18 -27.59 7.39 -10.53
CA THR B 18 -27.06 6.05 -10.77
C THR B 18 -25.91 5.80 -9.82
N VAL B 19 -26.03 4.76 -9.01
CA VAL B 19 -25.08 4.44 -7.96
C VAL B 19 -24.63 3.00 -8.11
N TRP B 20 -23.32 2.79 -8.12
CA TRP B 20 -22.72 1.46 -8.15
C TRP B 20 -22.04 1.17 -6.82
N VAL B 21 -22.26 -0.01 -6.24
CA VAL B 21 -21.66 -0.40 -4.97
C VAL B 21 -21.05 -1.79 -5.14
N THR B 22 -19.75 -1.91 -4.93
CA THR B 22 -19.12 -3.23 -4.91
C THR B 22 -19.15 -3.79 -3.49
N GLY B 23 -19.06 -5.10 -3.38
CA GLY B 23 -19.23 -5.72 -2.10
C GLY B 23 -20.66 -5.70 -1.58
N ALA B 24 -21.64 -5.63 -2.49
CA ALA B 24 -23.02 -5.34 -2.11
C ALA B 24 -23.80 -6.56 -1.61
N GLY B 25 -23.20 -7.75 -1.56
CA GLY B 25 -23.91 -8.91 -1.09
C GLY B 25 -24.11 -8.98 0.41
N LYS B 26 -23.20 -8.37 1.18
CA LYS B 26 -23.29 -8.42 2.63
C LYS B 26 -22.51 -7.24 3.20
N GLY B 27 -22.62 -7.08 4.52
CA GLY B 27 -21.77 -6.15 5.24
C GLY B 27 -21.96 -4.72 4.83
N ILE B 28 -20.85 -3.99 4.76
CA ILE B 28 -20.92 -2.55 4.51
C ILE B 28 -21.52 -2.26 3.14
N GLY B 29 -21.12 -3.04 2.13
CA GLY B 29 -21.63 -2.78 0.79
C GLY B 29 -23.12 -2.97 0.71
N TYR B 30 -23.62 -4.01 1.37
CA TYR B 30 -25.07 -4.24 1.37
C TYR B 30 -25.80 -3.11 2.06
N ALA B 31 -25.36 -2.74 3.26
CA ALA B 31 -26.01 -1.65 3.97
C ALA B 31 -25.98 -0.37 3.15
N THR B 32 -24.88 -0.15 2.46
CA THR B 32 -24.76 1.07 1.66
C THR B 32 -25.69 1.05 0.47
N ALA B 33 -25.76 -0.09 -0.23
CA ALA B 33 -26.70 -0.23 -1.33
C ALA B 33 -28.13 0.03 -0.87
N LEU B 34 -28.54 -0.58 0.25
CA LEU B 34 -29.90 -0.36 0.75
C LEU B 34 -30.12 1.10 1.09
N ALA B 35 -29.13 1.75 1.71
CA ALA B 35 -29.29 3.16 2.07
C ALA B 35 -29.48 4.01 0.84
N PHE B 36 -28.72 3.74 -0.22
CA PHE B 36 -28.91 4.49 -1.46
C PHE B 36 -30.29 4.21 -2.08
N VAL B 37 -30.77 2.97 -2.00
CA VAL B 37 -32.11 2.70 -2.51
C VAL B 37 -33.14 3.51 -1.73
N GLU B 38 -32.99 3.58 -0.40
CA GLU B 38 -33.95 4.32 0.41
C GLU B 38 -33.91 5.81 0.09
N ALA B 39 -32.74 6.33 -0.27
CA ALA B 39 -32.51 7.74 -0.62
C ALA B 39 -32.90 8.05 -2.07
N GLY B 40 -33.50 7.09 -2.79
CA GLY B 40 -34.07 7.36 -4.09
C GLY B 40 -33.18 7.05 -5.28
N ALA B 41 -32.04 6.42 -5.07
CA ALA B 41 -31.12 6.17 -6.17
C ALA B 41 -31.49 4.90 -6.95
N ASN B 42 -30.96 4.83 -8.18
CA ASN B 42 -30.99 3.64 -9.01
C ASN B 42 -29.68 2.89 -8.77
N VAL B 43 -29.73 1.83 -7.97
CA VAL B 43 -28.55 1.18 -7.45
C VAL B 43 -28.28 -0.12 -8.19
N THR B 44 -27.01 -0.34 -8.51
CA THR B 44 -26.52 -1.65 -8.96
C THR B 44 -25.48 -2.11 -7.97
N GLY B 45 -25.65 -3.30 -7.43
CA GLY B 45 -24.70 -3.90 -6.50
C GLY B 45 -23.93 -5.00 -7.21
N PHE B 46 -22.65 -5.08 -6.89
CA PHE B 46 -21.71 -6.01 -7.49
C PHE B 46 -21.11 -6.85 -6.36
N ASP B 47 -21.03 -8.14 -6.57
CA ASP B 47 -20.35 -9.00 -5.61
C ASP B 47 -20.05 -10.34 -6.25
N LEU B 48 -19.15 -11.08 -5.60
CA LEU B 48 -18.78 -12.41 -6.09
C LEU B 48 -20.01 -13.25 -6.34
N ALA B 49 -20.95 -13.26 -5.39
CA ALA B 49 -22.23 -13.91 -5.62
C ALA B 49 -23.25 -13.36 -4.62
N PHE B 50 -24.50 -13.72 -4.83
CA PHE B 50 -25.62 -13.15 -4.08
C PHE B 50 -26.51 -14.23 -3.45
N GLY B 54 -33.42 -12.40 -2.66
CA GLY B 54 -34.07 -11.16 -3.04
C GLY B 54 -33.28 -9.93 -2.62
N TYR B 55 -33.17 -8.98 -3.54
CA TYR B 55 -32.43 -7.77 -3.29
C TYR B 55 -33.20 -6.59 -3.90
N PRO B 56 -33.29 -5.47 -3.19
CA PRO B 56 -34.04 -4.32 -3.72
C PRO B 56 -33.25 -3.43 -4.66
N PHE B 57 -32.16 -3.97 -5.19
CA PHE B 57 -31.34 -3.25 -6.18
C PHE B 57 -30.94 -4.27 -7.23
N ALA B 58 -30.51 -3.77 -8.39
CA ALA B 58 -30.02 -4.65 -9.44
C ALA B 58 -28.73 -5.31 -8.97
N THR B 59 -28.56 -6.59 -9.30
CA THR B 59 -27.37 -7.32 -8.91
C THR B 59 -26.58 -7.79 -10.12
N GLU B 60 -25.27 -7.70 -10.01
CA GLU B 60 -24.34 -8.19 -11.03
C GLU B 60 -23.27 -9.03 -10.34
N MET B 61 -23.09 -10.26 -10.78
N MET B 61 -23.05 -10.25 -10.81
CA MET B 61 -21.95 -11.02 -10.29
CA MET B 61 -21.96 -11.08 -10.30
C MET B 61 -20.68 -10.41 -10.85
C MET B 61 -20.63 -10.58 -10.86
N LEU B 62 -19.71 -10.21 -9.97
CA LEU B 62 -18.45 -9.64 -10.40
C LEU B 62 -17.40 -9.94 -9.33
N ASP B 63 -16.33 -10.56 -9.76
CA ASP B 63 -15.12 -10.64 -8.97
C ASP B 63 -14.29 -9.40 -9.29
N VAL B 64 -14.22 -8.44 -8.36
CA VAL B 64 -13.50 -7.21 -8.65
C VAL B 64 -12.04 -7.46 -8.92
N ALA B 65 -11.48 -8.58 -8.47
CA ALA B 65 -10.10 -8.89 -8.79
C ALA B 65 -9.92 -9.39 -10.22
N ASP B 66 -11.02 -9.73 -10.89
CA ASP B 66 -11.04 -10.38 -12.22
C ASP B 66 -11.11 -9.24 -13.25
N ALA B 67 -9.94 -8.83 -13.74
CA ALA B 67 -9.86 -7.64 -14.60
C ALA B 67 -10.68 -7.82 -15.88
N ASP B 68 -10.61 -9.02 -16.48
CA ASP B 68 -11.38 -9.24 -17.70
C ASP B 68 -12.88 -9.19 -17.42
N GLN B 69 -13.34 -9.74 -16.30
CA GLN B 69 -14.76 -9.65 -15.99
C GLN B 69 -15.17 -8.22 -15.67
N VAL B 70 -14.32 -7.48 -14.96
CA VAL B 70 -14.66 -6.09 -14.67
C VAL B 70 -14.78 -5.31 -15.96
N ARG B 71 -13.87 -5.53 -16.90
CA ARG B 71 -13.95 -4.82 -18.17
C ARG B 71 -15.24 -5.16 -18.90
N ASP B 72 -15.58 -6.45 -19.00
CA ASP B 72 -16.78 -6.83 -19.75
C ASP B 72 -18.03 -6.28 -19.10
N VAL B 73 -18.16 -6.46 -17.79
CA VAL B 73 -19.37 -6.01 -17.09
C VAL B 73 -19.51 -4.49 -17.16
N CYS B 74 -18.44 -3.77 -16.82
CA CYS B 74 -18.53 -2.32 -16.79
C CYS B 74 -18.80 -1.74 -18.17
N ALA B 75 -18.14 -2.28 -19.19
CA ALA B 75 -18.35 -1.73 -20.53
C ALA B 75 -19.81 -1.89 -20.92
N ARG B 76 -20.41 -3.04 -20.61
CA ARG B 76 -21.81 -3.26 -20.97
C ARG B 76 -22.70 -2.25 -20.25
N LEU B 77 -22.47 -2.07 -18.96
CA LEU B 77 -23.36 -1.20 -18.18
C LEU B 77 -23.18 0.27 -18.54
N LEU B 78 -21.96 0.67 -18.84
CA LEU B 78 -21.74 2.09 -19.15
C LEU B 78 -22.36 2.47 -20.49
N ASN B 79 -22.65 1.49 -21.34
CA ASN B 79 -23.29 1.79 -22.62
C ASN B 79 -24.72 2.31 -22.44
N ASP B 80 -25.38 1.94 -21.33
CA ASP B 80 -26.79 2.21 -21.16
C ASP B 80 -27.09 3.31 -20.16
N ILE B 81 -26.09 3.87 -19.49
CA ILE B 81 -26.34 4.90 -18.48
C ILE B 81 -25.91 6.25 -19.04
N GLU B 82 -26.47 7.30 -18.43
CA GLU B 82 -26.12 8.67 -18.80
C GLU B 82 -24.98 9.15 -17.92
N ARG B 83 -25.10 8.94 -16.62
CA ARG B 83 -24.06 9.28 -15.66
C ARG B 83 -23.85 8.14 -14.70
N LEU B 84 -22.63 8.01 -14.24
CA LEU B 84 -22.32 7.26 -13.04
C LEU B 84 -22.18 8.27 -11.92
N ASP B 85 -23.24 8.46 -11.14
CA ASP B 85 -23.23 9.56 -10.17
C ASP B 85 -22.37 9.25 -8.96
N VAL B 86 -22.39 8.01 -8.50
CA VAL B 86 -21.61 7.59 -7.33
C VAL B 86 -21.05 6.19 -7.56
N LEU B 87 -19.76 6.02 -7.31
CA LEU B 87 -19.12 4.71 -7.22
C LEU B 87 -18.69 4.50 -5.77
N VAL B 88 -19.13 3.40 -5.17
CA VAL B 88 -18.65 3.00 -3.85
C VAL B 88 -17.86 1.71 -3.98
N ASN B 89 -16.57 1.77 -3.62
CA ASN B 89 -15.73 0.58 -3.55
C ASN B 89 -15.82 0.02 -2.13
N ALA B 90 -16.56 -1.06 -1.94
CA ALA B 90 -16.72 -1.67 -0.62
C ALA B 90 -16.40 -3.17 -0.65
N ALA B 91 -15.72 -3.63 -1.67
CA ALA B 91 -15.27 -5.01 -1.71
C ALA B 91 -13.99 -5.14 -0.91
N GLY B 92 -13.83 -6.28 -0.28
CA GLY B 92 -12.60 -6.53 0.45
C GLY B 92 -12.65 -7.88 1.15
N ILE B 93 -11.45 -8.35 1.52
CA ILE B 93 -11.32 -9.56 2.30
C ILE B 93 -10.31 -9.33 3.41
N LEU B 94 -10.51 -10.04 4.51
CA LEU B 94 -9.63 -9.96 5.67
C LEU B 94 -8.96 -11.32 5.87
N ARG B 95 -7.63 -11.35 5.77
CA ARG B 95 -6.85 -12.55 6.05
C ARG B 95 -5.79 -12.16 7.07
N MET B 96 -5.90 -12.70 8.28
CA MET B 96 -5.00 -12.36 9.37
C MET B 96 -3.87 -13.37 9.53
N GLY B 97 -2.80 -12.92 10.16
CA GLY B 97 -1.71 -13.80 10.52
C GLY B 97 -0.46 -13.01 10.82
N ALA B 98 0.41 -13.62 11.60
CA ALA B 98 1.76 -13.07 11.75
C ALA B 98 2.40 -12.96 10.37
N THR B 99 3.20 -11.91 10.17
CA THR B 99 3.76 -11.66 8.84
C THR B 99 4.49 -12.88 8.30
N ASP B 100 5.27 -13.56 9.15
CA ASP B 100 6.08 -14.67 8.68
C ASP B 100 5.33 -15.99 8.65
N GLN B 101 4.04 -16.01 9.04
N GLN B 101 4.05 -16.00 9.04
CA GLN B 101 3.22 -17.20 8.95
CA GLN B 101 3.20 -17.18 8.96
C GLN B 101 2.14 -17.09 7.87
C GLN B 101 2.15 -17.10 7.87
N LEU B 102 1.91 -15.92 7.32
CA LEU B 102 0.86 -15.74 6.32
C LEU B 102 1.17 -16.56 5.07
N SER B 103 0.16 -17.26 4.56
CA SER B 103 0.35 -18.06 3.37
C SER B 103 0.48 -17.20 2.12
N ALA B 104 1.12 -17.78 1.11
CA ALA B 104 1.24 -17.10 -0.18
C ALA B 104 -0.12 -16.79 -0.76
N GLU B 105 -1.06 -17.74 -0.68
CA GLU B 105 -2.39 -17.49 -1.21
C GLU B 105 -3.07 -16.34 -0.50
N ASP B 106 -2.95 -16.26 0.82
CA ASP B 106 -3.59 -15.16 1.54
C ASP B 106 -2.96 -13.81 1.19
N TRP B 107 -1.63 -13.78 1.05
CA TRP B 107 -0.97 -12.54 0.59
C TRP B 107 -1.50 -12.10 -0.77
N GLN B 108 -1.43 -13.00 -1.76
CA GLN B 108 -1.79 -12.62 -3.11
C GLN B 108 -3.25 -12.20 -3.19
N GLN B 109 -4.14 -12.98 -2.55
CA GLN B 109 -5.57 -12.70 -2.63
C GLN B 109 -5.90 -11.41 -1.92
N THR B 110 -5.27 -11.14 -0.78
CA THR B 110 -5.47 -9.87 -0.09
C THR B 110 -5.22 -8.70 -1.03
N PHE B 111 -4.10 -8.72 -1.74
CA PHE B 111 -3.81 -7.57 -2.60
C PHE B 111 -4.67 -7.58 -3.85
N ALA B 112 -4.94 -8.76 -4.43
CA ALA B 112 -5.73 -8.83 -5.65
C ALA B 112 -7.12 -8.24 -5.43
N VAL B 113 -7.71 -8.52 -4.28
CA VAL B 113 -9.06 -8.03 -4.00
C VAL B 113 -9.01 -6.61 -3.45
N ASN B 114 -8.22 -6.38 -2.41
CA ASN B 114 -8.33 -5.13 -1.67
C ASN B 114 -7.74 -3.94 -2.40
N VAL B 115 -6.79 -4.15 -3.30
CA VAL B 115 -6.22 -3.08 -4.11
C VAL B 115 -6.57 -3.26 -5.57
N GLY B 116 -6.34 -4.46 -6.10
CA GLY B 116 -6.61 -4.70 -7.50
C GLY B 116 -8.05 -4.46 -7.88
N GLY B 117 -9.00 -4.77 -6.98
CA GLY B 117 -10.40 -4.58 -7.24
C GLY B 117 -10.72 -3.15 -7.59
N ALA B 118 -10.40 -2.23 -6.67
CA ALA B 118 -10.62 -0.83 -6.93
C ALA B 118 -9.83 -0.35 -8.14
N PHE B 119 -8.59 -0.82 -8.31
CA PHE B 119 -7.83 -0.49 -9.51
C PHE B 119 -8.62 -0.84 -10.76
N ASN B 120 -9.19 -2.05 -10.80
CA ASN B 120 -9.90 -2.48 -12.00
C ASN B 120 -11.12 -1.61 -12.23
N LEU B 121 -11.86 -1.33 -11.16
CA LEU B 121 -13.00 -0.43 -11.27
C LEU B 121 -12.58 0.92 -11.79
N PHE B 122 -11.50 1.49 -11.23
CA PHE B 122 -11.06 2.81 -11.70
C PHE B 122 -10.66 2.76 -13.17
N GLN B 123 -9.95 1.71 -13.58
CA GLN B 123 -9.58 1.63 -14.98
C GLN B 123 -10.78 1.65 -15.91
N GLN B 124 -11.91 1.07 -15.48
CA GLN B 124 -13.06 0.98 -16.34
C GLN B 124 -14.03 2.15 -16.17
N THR B 125 -13.91 2.96 -15.12
CA THR B 125 -14.85 4.06 -14.90
C THR B 125 -14.27 5.46 -15.03
N MET B 126 -12.94 5.63 -15.06
CA MET B 126 -12.42 6.99 -15.08
C MET B 126 -12.82 7.75 -16.34
N ALA B 127 -12.83 7.10 -17.52
CA ALA B 127 -13.24 7.81 -18.73
C ALA B 127 -14.67 8.29 -18.63
N GLN B 128 -15.54 7.54 -17.94
CA GLN B 128 -16.92 7.98 -17.74
C GLN B 128 -16.97 9.22 -16.87
N PHE B 129 -16.23 9.21 -15.76
CA PHE B 129 -16.20 10.39 -14.89
C PHE B 129 -15.68 11.60 -15.64
N ARG B 130 -14.66 11.42 -16.48
CA ARG B 130 -14.11 12.57 -17.19
C ARG B 130 -15.10 13.12 -18.19
N ARG B 131 -15.80 12.25 -18.90
CA ARG B 131 -16.67 12.76 -19.96
C ARG B 131 -17.92 13.41 -19.39
N GLN B 132 -18.44 12.92 -18.27
CA GLN B 132 -19.69 13.42 -17.72
C GLN B 132 -19.46 14.65 -16.85
N ARG B 133 -18.26 14.80 -16.32
N ARG B 133 -18.27 14.76 -16.28
CA ARG B 133 -17.93 15.73 -15.23
CA ARG B 133 -17.92 15.72 -15.24
C ARG B 133 -18.72 15.42 -13.97
C ARG B 133 -18.73 15.45 -13.98
N GLY B 134 -18.07 15.58 -12.84
CA GLY B 134 -18.74 15.50 -11.57
C GLY B 134 -19.00 14.06 -11.20
N GLY B 135 -19.70 13.92 -10.08
CA GLY B 135 -19.87 12.64 -9.45
C GLY B 135 -18.98 12.49 -8.23
N ALA B 136 -19.17 11.38 -7.54
CA ALA B 136 -18.46 11.13 -6.31
C ALA B 136 -18.01 9.68 -6.26
N ILE B 137 -16.87 9.45 -5.65
CA ILE B 137 -16.34 8.12 -5.38
C ILE B 137 -16.09 8.06 -3.88
N VAL B 138 -16.53 6.97 -3.26
CA VAL B 138 -16.20 6.70 -1.87
C VAL B 138 -15.62 5.30 -1.79
N THR B 139 -14.46 5.18 -1.16
CA THR B 139 -13.77 3.91 -1.05
C THR B 139 -13.64 3.54 0.41
N VAL B 140 -13.91 2.27 0.72
CA VAL B 140 -13.86 1.75 2.09
C VAL B 140 -12.47 1.20 2.32
N ALA B 141 -11.70 1.87 3.17
CA ALA B 141 -10.37 1.40 3.53
C ALA B 141 -10.48 0.65 4.85
N SER B 142 -9.75 1.07 5.88
CA SER B 142 -9.74 0.41 7.18
C SER B 142 -8.89 1.23 8.13
N ASP B 143 -9.21 1.23 9.42
CA ASP B 143 -8.30 1.88 10.35
C ASP B 143 -6.95 1.16 10.43
N ALA B 144 -6.85 -0.08 9.93
CA ALA B 144 -5.56 -0.77 9.88
C ALA B 144 -4.61 -0.13 8.86
N ALA B 145 -5.13 0.69 7.97
CA ALA B 145 -4.28 1.47 7.08
C ALA B 145 -3.63 2.66 7.76
N HIS B 146 -4.05 2.98 8.98
CA HIS B 146 -3.66 4.19 9.69
C HIS B 146 -2.66 3.94 10.79
N THR B 147 -2.53 2.70 11.26
CA THR B 147 -1.71 2.38 12.43
C THR B 147 -1.33 0.94 12.27
N PRO B 148 -0.14 0.53 12.68
CA PRO B 148 0.22 -0.89 12.56
C PRO B 148 -0.58 -1.74 13.53
N ARG B 149 -1.12 -2.84 13.02
CA ARG B 149 -1.93 -3.75 13.81
C ARG B 149 -1.35 -5.15 13.71
N ILE B 150 -0.90 -5.67 14.85
CA ILE B 150 -0.38 -7.03 14.88
C ILE B 150 -1.44 -8.01 14.41
N GLY B 151 -1.03 -8.92 13.54
CA GLY B 151 -1.96 -9.87 12.96
C GLY B 151 -2.57 -9.42 11.67
N MET B 152 -2.39 -8.15 11.30
CA MET B 152 -3.01 -7.60 10.10
C MET B 152 -2.00 -6.92 9.21
N SER B 153 -0.73 -7.35 9.21
CA SER B 153 0.25 -6.62 8.41
C SER B 153 -0.17 -6.57 6.94
N ALA B 154 -0.61 -7.70 6.36
CA ALA B 154 -0.96 -7.71 4.95
C ALA B 154 -2.26 -6.96 4.70
N TYR B 155 -3.26 -7.21 5.54
CA TYR B 155 -4.52 -6.50 5.40
C TYR B 155 -4.31 -5.00 5.48
N GLY B 156 -3.62 -4.55 6.54
CA GLY B 156 -3.33 -3.13 6.67
C GLY B 156 -2.57 -2.56 5.49
N ALA B 157 -1.57 -3.29 5.00
CA ALA B 157 -0.78 -2.83 3.88
C ALA B 157 -1.62 -2.71 2.62
N SER B 158 -2.50 -3.69 2.39
CA SER B 158 -3.39 -3.63 1.22
C SER B 158 -4.32 -2.45 1.32
N LYS B 159 -4.80 -2.14 2.53
CA LYS B 159 -5.70 -1.01 2.67
C LYS B 159 -4.96 0.30 2.58
N ALA B 160 -3.71 0.35 3.00
CA ALA B 160 -2.89 1.54 2.79
C ALA B 160 -2.65 1.77 1.31
N ALA B 161 -2.44 0.70 0.55
CA ALA B 161 -2.29 0.85 -0.90
C ALA B 161 -3.59 1.37 -1.50
N LEU B 162 -4.71 0.77 -1.08
CA LEU B 162 -6.01 1.21 -1.58
C LEU B 162 -6.22 2.69 -1.30
N LYS B 163 -5.93 3.13 -0.08
CA LYS B 163 -6.12 4.54 0.23
C LYS B 163 -5.26 5.41 -0.68
N SER B 164 -3.99 5.05 -0.84
CA SER B 164 -3.10 5.84 -1.69
C SER B 164 -3.62 5.90 -3.12
N LEU B 165 -4.02 4.75 -3.65
CA LEU B 165 -4.57 4.69 -5.00
C LEU B 165 -5.80 5.59 -5.13
N ALA B 166 -6.72 5.48 -4.20
CA ALA B 166 -7.94 6.28 -4.27
C ALA B 166 -7.63 7.78 -4.22
N LEU B 167 -6.66 8.20 -3.41
CA LEU B 167 -6.32 9.62 -3.35
C LEU B 167 -5.68 10.08 -4.65
N THR B 168 -4.83 9.27 -5.26
CA THR B 168 -4.23 9.73 -6.52
C THR B 168 -5.28 9.77 -7.62
N VAL B 169 -6.20 8.80 -7.65
CA VAL B 169 -7.31 8.86 -8.57
C VAL B 169 -8.14 10.12 -8.32
N GLY B 170 -8.35 10.48 -7.06
CA GLY B 170 -9.03 11.72 -6.75
C GLY B 170 -8.32 12.94 -7.31
N LEU B 171 -6.99 12.95 -7.23
CA LEU B 171 -6.25 14.05 -7.85
C LEU B 171 -6.39 14.02 -9.38
N GLU B 172 -6.32 12.82 -9.99
CA GLU B 172 -6.48 12.71 -11.43
C GLU B 172 -7.84 13.17 -11.92
N LEU B 173 -8.88 13.01 -11.10
CA LEU B 173 -10.23 13.36 -11.51
C LEU B 173 -10.70 14.70 -10.97
N ALA B 174 -9.89 15.38 -10.15
CA ALA B 174 -10.33 16.66 -9.59
C ALA B 174 -10.61 17.67 -10.68
N GLY B 175 -9.84 17.66 -11.77
CA GLY B 175 -10.09 18.59 -12.86
C GLY B 175 -11.40 18.34 -13.57
N SER B 176 -11.96 17.15 -13.40
CA SER B 176 -13.27 16.81 -13.94
C SER B 176 -14.38 17.09 -12.94
N GLY B 177 -14.06 17.62 -11.76
CA GLY B 177 -15.07 17.93 -10.78
C GLY B 177 -15.51 16.78 -9.93
N VAL B 178 -14.77 15.66 -9.92
CA VAL B 178 -15.17 14.47 -9.19
C VAL B 178 -14.60 14.54 -7.78
N ARG B 179 -15.44 14.27 -6.79
CA ARG B 179 -15.00 14.24 -5.40
C ARG B 179 -14.71 12.81 -5.01
N CYS B 180 -13.62 12.60 -4.29
CA CYS B 180 -13.14 11.24 -4.04
C CYS B 180 -12.67 11.17 -2.61
N ASN B 181 -13.36 10.35 -1.81
CA ASN B 181 -13.10 10.28 -0.37
C ASN B 181 -13.12 8.83 0.08
N LEU B 182 -12.74 8.63 1.34
CA LEU B 182 -12.69 7.31 1.93
C LEU B 182 -13.34 7.31 3.30
N VAL B 183 -13.80 6.12 3.69
CA VAL B 183 -14.19 5.82 5.06
CA VAL B 183 -14.19 5.81 5.05
C VAL B 183 -13.32 4.66 5.52
N SER B 184 -12.84 4.72 6.76
CA SER B 184 -11.97 3.71 7.34
C SER B 184 -12.65 3.10 8.57
N PRO B 185 -13.35 1.99 8.41
CA PRO B 185 -13.96 1.33 9.55
C PRO B 185 -12.95 0.62 10.42
N GLY B 186 -13.37 0.34 11.63
CA GLY B 186 -12.66 -0.55 12.51
C GLY B 186 -12.74 -1.99 12.07
N SER B 187 -12.06 -2.85 12.81
CA SER B 187 -11.98 -4.27 12.48
C SER B 187 -12.22 -5.12 13.72
N GLY B 217 -11.26 4.48 28.00
CA GLY B 217 -12.58 4.45 27.39
C GLY B 217 -12.58 4.48 25.87
N ILE B 218 -11.45 4.08 25.27
CA ILE B 218 -11.34 3.99 23.82
C ILE B 218 -11.11 2.53 23.44
N PRO B 219 -11.79 1.98 22.42
CA PRO B 219 -12.80 2.63 21.57
C PRO B 219 -14.04 3.06 22.34
N LEU B 220 -14.70 4.08 21.80
CA LEU B 220 -15.90 4.66 22.37
C LEU B 220 -17.13 3.98 21.78
N GLY B 221 -17.91 3.31 22.62
CA GLY B 221 -19.09 2.60 22.18
C GLY B 221 -18.77 1.31 21.48
N LYS B 222 -19.81 0.53 21.21
CA LYS B 222 -19.66 -0.71 20.49
C LYS B 222 -19.11 -0.46 19.10
N ILE B 223 -18.48 -1.49 18.51
CA ILE B 223 -17.90 -1.35 17.19
C ILE B 223 -18.93 -0.78 16.23
N ALA B 224 -18.49 0.10 15.33
CA ALA B 224 -19.40 0.74 14.39
C ALA B 224 -19.91 -0.28 13.39
N ARG B 225 -21.21 -0.35 13.24
CA ARG B 225 -21.87 -1.35 12.44
C ARG B 225 -22.01 -0.89 10.99
N PRO B 226 -22.24 -1.83 10.07
CA PRO B 226 -22.38 -1.44 8.65
C PRO B 226 -23.35 -0.30 8.41
N GLN B 227 -24.45 -0.22 9.14
CA GLN B 227 -25.40 0.87 8.87
C GLN B 227 -24.80 2.23 9.18
N GLU B 228 -24.01 2.32 10.25
CA GLU B 228 -23.34 3.58 10.57
C GLU B 228 -22.32 3.93 9.49
N ILE B 229 -21.56 2.94 9.02
CA ILE B 229 -20.59 3.21 7.97
C ILE B 229 -21.32 3.70 6.73
N ALA B 230 -22.44 3.06 6.41
CA ALA B 230 -23.22 3.43 5.23
C ALA B 230 -23.66 4.88 5.31
N ASN B 231 -24.06 5.35 6.50
CA ASN B 231 -24.49 6.73 6.60
C ASN B 231 -23.33 7.69 6.31
N THR B 232 -22.12 7.35 6.74
CA THR B 232 -20.97 8.20 6.46
C THR B 232 -20.65 8.21 4.97
N ILE B 233 -20.76 7.05 4.33
CA ILE B 233 -20.57 6.95 2.88
C ILE B 233 -21.57 7.84 2.14
N LEU B 234 -22.84 7.78 2.53
CA LEU B 234 -23.84 8.61 1.86
C LEU B 234 -23.56 10.09 2.08
N PHE B 235 -23.15 10.47 3.29
CA PHE B 235 -22.74 11.85 3.51
C PHE B 235 -21.63 12.27 2.53
N LEU B 236 -20.57 11.47 2.44
CA LEU B 236 -19.44 11.84 1.59
C LEU B 236 -19.80 11.86 0.12
N ALA B 237 -20.80 11.07 -0.28
CA ALA B 237 -21.27 11.05 -1.65
C ALA B 237 -22.23 12.19 -1.97
N SER B 238 -22.75 12.87 -0.95
CA SER B 238 -23.85 13.81 -1.11
C SER B 238 -23.38 15.22 -1.47
N SER B 239 -24.34 16.04 -1.90
CA SER B 239 -24.08 17.43 -2.20
C SER B 239 -23.66 18.20 -0.95
N HIS B 240 -23.94 17.68 0.25
CA HIS B 240 -23.53 18.35 1.46
C HIS B 240 -22.03 18.26 1.69
N ALA B 241 -21.36 17.40 0.97
CA ALA B 241 -19.92 17.25 1.08
C ALA B 241 -19.21 17.81 -0.14
N SER B 242 -19.80 18.80 -0.79
CA SER B 242 -19.27 19.25 -2.09
C SER B 242 -17.90 19.91 -1.97
N HIS B 243 -17.48 20.34 -0.78
CA HIS B 243 -16.15 20.92 -0.61
C HIS B 243 -15.20 19.95 0.06
N ILE B 244 -15.57 18.69 0.15
CA ILE B 244 -14.77 17.66 0.79
C ILE B 244 -14.26 16.73 -0.29
N THR B 245 -12.94 16.71 -0.48
CA THR B 245 -12.33 15.69 -1.30
C THR B 245 -10.95 15.35 -0.77
N LEU B 246 -10.54 14.13 -1.09
CA LEU B 246 -9.27 13.51 -0.66
C LEU B 246 -9.22 13.32 0.84
N GLN B 247 -10.38 13.19 1.47
CA GLN B 247 -10.50 12.98 2.91
C GLN B 247 -10.83 11.54 3.25
N ASP B 248 -10.54 11.17 4.48
CA ASP B 248 -10.69 9.80 4.97
C ASP B 248 -11.24 9.89 6.38
N ILE B 249 -12.49 9.51 6.59
CA ILE B 249 -13.11 9.59 7.90
C ILE B 249 -12.96 8.21 8.56
N VAL B 250 -12.27 8.15 9.70
CA VAL B 250 -12.12 6.91 10.44
C VAL B 250 -13.31 6.74 11.36
N VAL B 251 -13.98 5.60 11.25
CA VAL B 251 -15.18 5.33 12.01
C VAL B 251 -14.89 4.11 12.87
N ASP B 252 -14.19 4.32 13.99
CA ASP B 252 -13.80 3.18 14.83
C ASP B 252 -13.82 3.54 16.30
N GLY B 253 -14.62 4.54 16.68
CA GLY B 253 -14.68 4.87 18.08
C GLY B 253 -13.43 5.52 18.63
N GLY B 254 -12.56 6.02 17.75
CA GLY B 254 -11.37 6.71 18.19
C GLY B 254 -10.16 5.83 18.44
N SER B 255 -10.20 4.56 18.03
CA SER B 255 -9.12 3.62 18.36
C SER B 255 -7.76 4.04 17.83
N THR B 256 -7.71 4.82 16.74
CA THR B 256 -6.43 5.29 16.21
C THR B 256 -5.96 6.59 16.85
N LEU B 257 -6.72 7.13 17.80
CA LEU B 257 -6.34 8.34 18.52
C LEU B 257 -6.13 9.50 17.55
N GLY B 258 -6.89 9.52 16.47
CA GLY B 258 -6.80 10.57 15.48
C GLY B 258 -5.79 10.31 14.36
N ALA B 259 -5.03 9.23 14.41
CA ALA B 259 -4.17 8.89 13.28
C ALA B 259 -5.00 8.32 12.11
O17 DBH C . 15.15 13.84 -3.98
C21 DBH C . 14.56 14.70 -4.63
O9 DBH C . 13.68 14.48 -5.53
C18 DBH C . 14.89 16.16 -4.38
C15 DBH C . 14.38 17.13 -5.23
C12 DBH C . 14.70 18.46 -5.05
C3 DBH C . 15.72 16.54 -3.31
O3 DBH C . 16.25 15.66 -2.46
C6 DBH C . 16.03 17.90 -3.12
C9 DBH C . 15.51 18.84 -3.98
O6 DBH C . 16.84 18.20 -2.06
O17 DBH D . 28.99 10.44 9.66
C21 DBH D . 27.78 10.48 9.45
O9 DBH D . 27.22 10.51 8.31
C18 DBH D . 26.84 10.48 10.62
C15 DBH D . 25.47 10.55 10.42
C12 DBH D . 24.61 10.56 11.49
C3 DBH D . 27.35 10.43 11.92
O3 DBH D . 28.66 10.37 12.16
C6 DBH D . 26.46 10.43 13.01
C9 DBH D . 25.10 10.51 12.79
O6 DBH D . 27.01 10.38 14.25
CL CL E . 32.60 -7.54 -9.94
O17 DBH F . -27.56 11.80 7.98
C21 DBH F . -28.10 12.84 7.48
O9 DBH F . -29.30 13.00 7.26
C18 DBH F . -27.13 13.94 7.14
C15 DBH F . -25.77 13.78 7.36
C12 DBH F . -24.90 14.79 7.05
C3 DBH F . -27.61 15.13 6.60
O3 DBH F . -28.92 15.32 6.38
C6 DBH F . -26.72 16.17 6.29
C9 DBH F . -25.37 15.99 6.51
O6 DBH F . -27.22 17.31 5.77
CL CL G . -17.83 -5.62 5.11
CL CL H . 2.32 -20.95 1.55
#